data_8X04
#
_entry.id   8X04
#
_cell.length_a   54.813
_cell.length_b   67.825
_cell.length_c   88.258
_cell.angle_alpha   90.000
_cell.angle_beta   90.000
_cell.angle_gamma   90.000
#
_symmetry.space_group_name_H-M   'P 21 21 21'
#
loop_
_entity.id
_entity.type
_entity.pdbx_description
1 polymer Glucanase
2 non-polymer 2-acetamido-2-deoxy-beta-D-glucopyranose
3 water water
#
_entity_poly.entity_id   1
_entity_poly.type   'polypeptide(L)'
_entity_poly.pdbx_seq_one_letter_code
;SANNPWTGFQIFLSPYYANEVAAAAKQITDPTLSSKAASVANIPTFTWLDSVAKIPDLGTYLASASALGKSTGTKQLVQI
VIYDLPDRDCAAKASNGEFSIANNGQANYENYIDQIVAQIQQFPDVRVVAVIEPDSLANLVTNLNVQKCANAKTTYLASV
NYALTNLAKVGVYMYMDAGHAGWLGWPANLSPAAQLFTQVWQNAGKSPFIKGLATNVANYNALQAASPDPITQGNPNYDE
IHYINALAPLLQQAGWDATFIVDQGRSGVQNIRQQWGDWCNIKGAGFGTRPTTNTGSQFIDSIVWVKPGGESAGTSNSSS
PRYDSTCSLPDAAQPAPEAGTWFQAYFQTLVSAANPPL
;
_entity_poly.pdbx_strand_id   A
#
# COMPACT_ATOMS: atom_id res chain seq x y z
N SER A 1 16.36 11.30 -4.73
CA SER A 1 17.61 11.09 -4.00
C SER A 1 18.59 10.34 -4.90
N ALA A 2 19.81 10.14 -4.43
CA ALA A 2 20.81 9.45 -5.24
C ALA A 2 20.45 7.99 -5.44
N ASN A 3 19.90 7.37 -4.42
CA ASN A 3 19.71 5.91 -4.39
C ASN A 3 18.21 5.61 -4.47
N ASN A 4 17.74 5.32 -5.68
CA ASN A 4 16.37 4.91 -5.88
C ASN A 4 16.34 3.39 -5.74
N PRO A 5 15.60 2.82 -4.79
CA PRO A 5 15.68 1.37 -4.57
C PRO A 5 15.43 0.53 -5.82
N TRP A 6 14.64 1.01 -6.76
CA TRP A 6 14.27 0.24 -7.93
C TRP A 6 15.30 0.26 -9.06
N THR A 7 16.16 1.27 -9.14
N THR A 7 16.13 1.32 -9.12
CA THR A 7 17.03 1.37 -10.30
CA THR A 7 17.04 1.54 -10.23
C THR A 7 18.04 0.22 -10.29
C THR A 7 17.84 0.29 -10.55
N GLY A 8 18.16 -0.45 -11.43
N GLY A 8 17.78 -0.14 -11.80
CA GLY A 8 19.08 -1.55 -11.59
CA GLY A 8 18.60 -1.27 -12.22
C GLY A 8 18.57 -2.89 -11.14
C GLY A 8 18.28 -2.49 -11.40
N PHE A 9 17.31 -2.98 -10.72
N PHE A 9 16.99 -2.81 -11.32
CA PHE A 9 16.70 -4.19 -10.22
CA PHE A 9 16.55 -3.94 -10.53
C PHE A 9 15.53 -4.63 -11.09
C PHE A 9 15.32 -4.51 -11.22
N GLN A 10 15.29 -5.93 -11.09
N GLN A 10 15.25 -5.83 -11.31
CA GLN A 10 14.15 -6.56 -11.75
CA GLN A 10 14.07 -6.48 -11.84
C GLN A 10 13.12 -6.89 -10.68
C GLN A 10 13.15 -6.78 -10.68
N ILE A 11 11.89 -6.38 -10.81
CA ILE A 11 10.90 -6.63 -9.76
C ILE A 11 10.34 -8.04 -9.92
N PHE A 12 10.41 -8.81 -8.83
CA PHE A 12 9.81 -10.14 -8.78
C PHE A 12 8.29 -10.03 -8.86
N LEU A 13 7.68 -10.76 -9.79
CA LEU A 13 6.24 -10.73 -9.97
C LEU A 13 5.55 -11.70 -9.02
N SER A 14 4.54 -11.24 -8.28
CA SER A 14 3.88 -12.13 -7.32
C SER A 14 3.28 -13.35 -8.03
N PRO A 15 3.64 -14.58 -7.64
CA PRO A 15 2.97 -15.75 -8.24
CA PRO A 15 2.97 -15.74 -8.26
C PRO A 15 1.56 -15.95 -7.72
N TYR A 16 1.28 -15.47 -6.50
CA TYR A 16 -0.06 -15.54 -5.95
C TYR A 16 -1.03 -14.68 -6.76
N TYR A 17 -0.65 -13.42 -7.00
CA TYR A 17 -1.46 -12.57 -7.85
C TYR A 17 -1.51 -13.11 -9.27
N ALA A 18 -0.39 -13.62 -9.77
CA ALA A 18 -0.39 -14.18 -11.12
C ALA A 18 -1.38 -15.32 -11.24
N ASN A 19 -1.47 -16.19 -10.22
CA ASN A 19 -2.44 -17.27 -10.25
C ASN A 19 -3.87 -16.75 -10.16
N GLU A 20 -4.12 -15.76 -9.30
CA GLU A 20 -5.45 -15.16 -9.24
C GLU A 20 -5.83 -14.57 -10.58
N VAL A 21 -4.90 -13.85 -11.21
N VAL A 21 -4.89 -13.91 -11.25
CA VAL A 21 -5.16 -13.23 -12.50
CA VAL A 21 -5.22 -13.20 -12.49
C VAL A 21 -5.40 -14.28 -13.58
C VAL A 21 -5.48 -14.17 -13.63
N ALA A 22 -4.60 -15.35 -13.58
N ALA A 22 -4.62 -15.18 -13.80
CA ALA A 22 -4.80 -16.40 -14.57
CA ALA A 22 -4.76 -16.11 -14.92
C ALA A 22 -6.18 -17.05 -14.43
C ALA A 22 -6.12 -16.81 -14.90
N ALA A 23 -6.57 -17.36 -13.19
N ALA A 23 -6.61 -17.14 -13.71
CA ALA A 23 -7.87 -17.96 -12.97
CA ALA A 23 -7.93 -17.75 -13.60
C ALA A 23 -9.00 -16.99 -13.36
C ALA A 23 -9.03 -16.77 -13.97
N ALA A 24 -8.80 -15.71 -13.07
N ALA A 24 -8.82 -15.48 -13.69
CA ALA A 24 -9.78 -14.69 -13.42
CA ALA A 24 -9.84 -14.48 -13.99
C ALA A 24 -9.90 -14.52 -14.92
C ALA A 24 -9.94 -14.23 -15.49
N ALA A 25 -8.77 -14.46 -15.62
N ALA A 25 -8.81 -14.19 -16.20
CA ALA A 25 -8.79 -14.15 -17.04
CA ALA A 25 -8.83 -13.95 -17.64
C ALA A 25 -9.49 -15.24 -17.84
C ALA A 25 -9.62 -15.01 -18.39
N LYS A 26 -9.30 -16.50 -17.46
N LYS A 26 -9.77 -16.20 -17.82
CA LYS A 26 -9.94 -17.57 -18.23
CA LYS A 26 -10.61 -17.23 -18.45
C LYS A 26 -11.46 -17.57 -18.09
C LYS A 26 -12.07 -16.85 -18.41
N GLN A 27 -12.01 -16.89 -17.08
N GLN A 27 -12.56 -16.40 -17.25
CA GLN A 27 -13.46 -16.75 -16.93
CA GLN A 27 -13.98 -16.09 -17.09
C GLN A 27 -14.02 -15.55 -17.69
C GLN A 27 -14.40 -14.87 -17.90
N ILE A 28 -13.17 -14.63 -18.14
N ILE A 28 -13.48 -13.98 -18.25
CA ILE A 28 -13.65 -13.47 -18.89
CA ILE A 28 -13.80 -12.87 -19.14
C ILE A 28 -13.98 -13.94 -20.30
C ILE A 28 -14.09 -13.43 -20.53
N THR A 29 -15.24 -13.77 -20.69
N THR A 29 -15.23 -13.06 -21.10
CA THR A 29 -15.76 -14.44 -21.88
CA THR A 29 -15.69 -13.71 -22.33
C THR A 29 -15.36 -13.73 -23.16
C THR A 29 -15.05 -13.11 -23.58
N ASP A 30 -15.35 -12.41 -23.17
N ASP A 30 -15.08 -11.78 -23.71
CA ASP A 30 -14.88 -11.68 -24.35
CA ASP A 30 -14.56 -11.14 -24.91
C ASP A 30 -13.40 -11.97 -24.54
C ASP A 30 -13.08 -11.48 -25.07
N PRO A 31 -12.99 -12.52 -25.68
N PRO A 31 -12.70 -12.19 -26.15
CA PRO A 31 -11.59 -12.93 -25.83
CA PRO A 31 -11.31 -12.67 -26.26
C PRO A 31 -10.61 -11.77 -25.77
C PRO A 31 -10.26 -11.58 -26.16
N THR A 32 -10.97 -10.62 -26.34
N THR A 32 -10.56 -10.37 -26.61
CA THR A 32 -10.05 -9.47 -26.35
CA THR A 32 -9.65 -9.25 -26.40
C THR A 32 -9.82 -8.96 -24.93
C THR A 32 -9.49 -8.99 -24.91
N LEU A 33 -10.88 -8.92 -24.12
N LEU A 33 -10.60 -8.66 -24.23
CA LEU A 33 -10.73 -8.49 -22.74
CA LEU A 33 -10.56 -8.34 -22.81
C LEU A 33 -9.97 -9.53 -21.92
C LEU A 33 -9.92 -9.44 -21.98
N SER A 34 -10.20 -10.82 -22.19
N SER A 34 -10.05 -10.70 -22.43
CA SER A 34 -9.49 -11.88 -21.49
CA SER A 34 -9.38 -11.79 -21.72
C SER A 34 -7.98 -11.76 -21.67
C SER A 34 -7.86 -11.65 -21.81
N SER A 35 -7.53 -11.46 -22.89
N SER A 35 -7.35 -11.30 -23.00
CA SER A 35 -6.10 -11.32 -23.16
CA SER A 35 -5.91 -11.10 -23.15
C SER A 35 -5.51 -10.14 -22.40
C SER A 35 -5.44 -9.89 -22.36
N LYS A 36 -6.21 -9.01 -22.39
N LYS A 36 -6.21 -8.81 -22.36
CA LYS A 36 -5.79 -7.85 -21.62
CA LYS A 36 -5.87 -7.64 -21.56
C LYS A 36 -5.69 -8.22 -20.14
C LYS A 36 -5.84 -7.98 -20.08
N ALA A 37 -6.72 -8.88 -19.62
CA ALA A 37 -6.73 -9.29 -18.23
C ALA A 37 -5.54 -10.18 -17.91
N ALA A 38 -5.22 -11.14 -18.78
CA ALA A 38 -4.10 -12.03 -18.51
C ALA A 38 -2.80 -11.26 -18.37
N SER A 39 -2.66 -10.18 -19.14
CA SER A 39 -1.43 -9.40 -19.12
C SER A 39 -1.18 -8.71 -17.79
N VAL A 40 -2.21 -8.59 -16.95
CA VAL A 40 -2.05 -7.95 -15.65
C VAL A 40 -1.07 -8.72 -14.77
N ALA A 41 -0.93 -10.03 -15.00
CA ALA A 41 0.00 -10.85 -14.22
C ALA A 41 1.46 -10.43 -14.44
N ASN A 42 1.73 -9.66 -15.49
CA ASN A 42 3.07 -9.18 -15.79
C ASN A 42 3.35 -7.82 -15.17
N ILE A 43 2.42 -7.26 -14.41
CA ILE A 43 2.55 -5.94 -13.82
C ILE A 43 2.92 -6.12 -12.34
N PRO A 44 4.01 -5.54 -11.86
CA PRO A 44 4.43 -5.81 -10.49
C PRO A 44 3.50 -5.19 -9.46
N THR A 45 3.22 -5.97 -8.41
CA THR A 45 2.39 -5.56 -7.28
C THR A 45 3.12 -5.87 -5.98
N PHE A 46 2.59 -5.34 -4.88
CA PHE A 46 3.09 -5.65 -3.55
C PHE A 46 2.36 -6.85 -2.96
N THR A 47 3.11 -7.70 -2.24
CA THR A 47 2.57 -8.83 -1.49
C THR A 47 2.25 -8.38 -0.08
N TRP A 48 1.02 -8.58 0.36
CA TRP A 48 0.59 -8.13 1.68
C TRP A 48 0.81 -9.24 2.69
N LEU A 49 1.70 -8.97 3.65
CA LEU A 49 1.93 -9.90 4.76
C LEU A 49 0.96 -9.54 5.88
N ASP A 50 -0.30 -9.89 5.64
CA ASP A 50 -1.40 -9.49 6.51
CA ASP A 50 -1.35 -9.46 6.56
C ASP A 50 -1.61 -10.44 7.68
N SER A 51 -0.79 -11.49 7.79
CA SER A 51 -0.86 -12.44 8.89
C SER A 51 0.44 -13.23 8.91
N VAL A 52 0.69 -13.89 10.05
CA VAL A 52 1.86 -14.79 10.17
CA VAL A 52 1.87 -14.75 10.14
C VAL A 52 1.77 -15.91 9.16
N ALA A 53 0.54 -16.30 8.79
CA ALA A 53 0.36 -17.35 7.79
C ALA A 53 0.97 -17.01 6.44
N LYS A 54 1.15 -15.71 6.13
N LYS A 54 1.52 -15.80 6.25
CA LYS A 54 1.73 -15.28 4.87
CA LYS A 54 2.18 -15.47 4.98
C LYS A 54 3.24 -15.35 4.87
C LYS A 54 3.71 -15.49 5.03
N ILE A 55 3.88 -15.56 6.01
N ILE A 55 4.32 -15.58 6.22
CA ILE A 55 5.34 -15.48 6.09
CA ILE A 55 5.78 -15.51 6.31
C ILE A 55 6.01 -16.62 5.31
C ILE A 55 6.49 -16.56 5.47
N PRO A 56 5.50 -17.85 5.36
N PRO A 56 6.08 -17.84 5.47
CA PRO A 56 6.11 -18.89 4.49
CA PRO A 56 6.76 -18.82 4.60
C PRO A 56 6.08 -18.52 3.03
C PRO A 56 6.62 -18.49 3.13
N ASP A 57 5.02 -17.86 2.56
N ASP A 57 5.47 -17.96 2.72
CA ASP A 57 5.00 -17.35 1.19
CA ASP A 57 5.28 -17.57 1.33
C ASP A 57 6.17 -16.39 0.93
C ASP A 57 6.28 -16.49 0.96
N LEU A 58 6.41 -15.46 1.86
N LEU A 58 6.51 -15.52 1.85
CA LEU A 58 7.55 -14.55 1.70
CA LEU A 58 7.54 -14.53 1.62
C LEU A 58 8.83 -15.32 1.47
C LEU A 58 8.91 -15.20 1.48
N GLY A 59 9.08 -16.35 2.29
N GLY A 59 9.20 -16.20 2.29
CA GLY A 59 10.27 -17.15 2.10
CA GLY A 59 10.46 -16.91 2.17
C GLY A 59 10.37 -17.73 0.71
C GLY A 59 10.63 -17.60 0.84
N THR A 60 9.25 -18.27 0.19
N THR A 60 9.55 -18.25 0.37
CA THR A 60 9.31 -18.82 -1.16
CA THR A 60 9.56 -18.82 -0.97
C THR A 60 9.60 -17.74 -2.20
C THR A 60 9.75 -17.75 -2.03
N TYR A 61 9.08 -16.53 -2.01
N TYR A 61 9.00 -16.65 -1.90
CA TYR A 61 9.30 -15.48 -3.01
CA TYR A 61 9.11 -15.54 -2.85
C TYR A 61 10.76 -15.03 -3.02
C TYR A 61 10.54 -15.04 -2.95
N LEU A 62 11.36 -14.88 -1.84
N LEU A 62 11.22 -14.94 -1.81
CA LEU A 62 12.76 -14.51 -1.77
CA LEU A 62 12.63 -14.55 -1.80
C LEU A 62 13.63 -15.55 -2.44
C LEU A 62 13.49 -15.56 -2.54
N ALA A 63 13.38 -16.84 -2.17
CA ALA A 63 14.20 -17.89 -2.77
C ALA A 63 13.98 -17.98 -4.28
N SER A 64 12.72 -17.82 -4.72
CA SER A 64 12.45 -17.86 -6.15
C SER A 64 13.13 -16.69 -6.84
N ALA A 65 12.96 -15.48 -6.28
N ALA A 65 13.16 -15.53 -6.16
CA ALA A 65 13.59 -14.30 -6.87
CA ALA A 65 13.84 -14.35 -6.71
C ALA A 65 15.09 -14.50 -7.00
C ALA A 65 15.35 -14.52 -6.69
N SER A 66 15.72 -15.05 -5.96
N SER A 66 15.90 -15.10 -5.62
CA SER A 66 17.16 -15.27 -6.02
CA SER A 66 17.34 -15.33 -5.55
C SER A 66 17.55 -16.15 -7.21
C SER A 66 17.81 -16.17 -6.73
N ALA A 67 16.80 -17.23 -7.43
N ALA A 67 17.09 -17.25 -7.02
CA ALA A 67 17.10 -18.14 -8.54
CA ALA A 67 17.47 -18.14 -8.12
C ALA A 67 16.80 -17.50 -9.88
C ALA A 67 17.23 -17.48 -9.48
N LEU A 68 15.69 -16.75 -9.99
N LEU A 68 16.14 -16.72 -9.62
CA LEU A 68 15.38 -16.07 -11.24
CA LEU A 68 15.89 -16.05 -10.88
C LEU A 68 16.46 -15.09 -11.61
C LEU A 68 16.99 -15.05 -11.20
N GLY A 69 17.00 -14.36 -10.62
N GLY A 69 17.46 -14.32 -10.18
CA GLY A 69 18.08 -13.43 -10.88
CA GLY A 69 18.58 -13.41 -10.41
C GLY A 69 19.31 -14.12 -11.43
C GLY A 69 19.84 -14.14 -10.84
N LYS A 70 19.70 -15.24 -10.81
N LYS A 70 20.13 -15.28 -10.19
CA LYS A 70 20.87 -15.97 -11.29
CA LYS A 70 21.32 -16.05 -10.54
C LYS A 70 20.65 -16.50 -12.70
C LYS A 70 21.27 -16.54 -11.98
N SER A 71 19.41 -16.90 -13.02
N SER A 71 20.09 -16.97 -12.44
CA SER A 71 19.10 -17.49 -14.33
CA SER A 71 19.97 -17.58 -13.77
C SER A 71 18.96 -16.45 -15.43
C SER A 71 19.97 -16.56 -14.89
N THR A 72 18.85 -15.17 -15.08
N THR A 72 19.43 -15.36 -14.65
CA THR A 72 18.71 -14.10 -16.06
CA THR A 72 19.40 -14.30 -15.66
C THR A 72 19.81 -13.04 -15.95
C THR A 72 20.53 -13.30 -15.50
N GLY A 73 20.76 -13.18 -15.02
N GLY A 73 21.36 -13.45 -14.46
CA GLY A 73 21.78 -12.18 -14.81
CA GLY A 73 22.43 -12.51 -14.18
C GLY A 73 21.27 -10.87 -14.23
C GLY A 73 21.97 -11.17 -13.65
N THR A 74 20.14 -10.89 -13.53
N THR A 74 20.79 -11.11 -13.06
CA THR A 74 19.54 -9.71 -12.95
CA THR A 74 20.17 -9.85 -12.69
C THR A 74 19.64 -9.75 -11.43
C THR A 74 20.07 -9.71 -11.18
N LYS A 75 19.54 -8.57 -10.81
N LYS A 75 19.57 -8.56 -10.77
CA LYS A 75 19.39 -8.44 -9.37
CA LYS A 75 19.21 -8.27 -9.39
C LYS A 75 17.91 -8.20 -9.09
C LYS A 75 17.69 -8.24 -9.34
N GLN A 76 17.33 -9.00 -8.19
N GLN A 76 17.11 -9.02 -8.42
CA GLN A 76 15.89 -9.04 -8.03
CA GLN A 76 15.67 -9.07 -8.22
C GLN A 76 15.44 -8.30 -6.78
C GLN A 76 15.26 -8.32 -6.97
N LEU A 77 14.19 -7.82 -6.83
N LEU A 77 14.02 -7.82 -6.98
CA LEU A 77 13.58 -7.00 -5.79
CA LEU A 77 13.49 -6.99 -5.92
C LEU A 77 12.18 -7.53 -5.52
C LEU A 77 12.11 -7.51 -5.53
N VAL A 78 11.91 -7.79 -4.24
CA VAL A 78 10.62 -8.28 -3.75
C VAL A 78 9.92 -7.16 -2.97
N GLN A 79 8.65 -6.94 -3.29
CA GLN A 79 7.83 -5.85 -2.76
C GLN A 79 6.81 -6.39 -1.76
N ILE A 80 6.86 -5.90 -0.52
CA ILE A 80 6.00 -6.41 0.54
C ILE A 80 5.32 -5.27 1.29
N VAL A 81 4.19 -5.61 1.91
CA VAL A 81 3.49 -4.74 2.85
C VAL A 81 3.48 -5.41 4.20
N ILE A 82 3.95 -4.68 5.20
CA ILE A 82 3.89 -5.09 6.61
C ILE A 82 2.55 -4.60 7.13
N TYR A 83 1.64 -5.52 7.50
CA TYR A 83 0.25 -5.16 7.77
C TYR A 83 -0.35 -6.13 8.79
N ASP A 84 0.11 -6.05 10.04
CA ASP A 84 -0.42 -6.95 11.06
C ASP A 84 -0.41 -6.33 12.45
N LEU A 85 -0.59 -5.02 12.57
CA LEU A 85 -0.58 -4.40 13.88
C LEU A 85 -1.65 -5.00 14.79
N PRO A 86 -1.38 -5.06 16.09
CA PRO A 86 -2.46 -5.35 17.04
C PRO A 86 -3.51 -4.25 16.97
N ASP A 87 -4.77 -4.65 17.11
CA ASP A 87 -5.89 -3.71 17.00
C ASP A 87 -5.79 -2.93 15.68
N ARG A 88 -5.47 -3.67 14.61
CA ARG A 88 -5.30 -3.11 13.28
CA ARG A 88 -5.30 -3.08 13.29
C ARG A 88 -6.55 -2.34 12.84
N ASP A 89 -6.33 -1.27 12.07
N ASP A 89 -6.36 -1.31 12.03
CA ASP A 89 -7.40 -0.50 11.44
CA ASP A 89 -7.47 -0.57 11.45
C ASP A 89 -8.37 0.07 12.48
C ASP A 89 -8.38 -0.03 12.55
N CYS A 90 -7.80 0.82 13.41
CA CYS A 90 -8.53 1.21 14.62
C CYS A 90 -9.78 2.03 14.36
N ALA A 91 -9.85 2.77 13.25
CA ALA A 91 -11.01 3.62 12.97
C ALA A 91 -12.04 2.93 12.09
N ALA A 92 -11.77 1.71 11.63
CA ALA A 92 -12.71 0.99 10.80
C ALA A 92 -13.86 0.47 11.66
N LYS A 93 -15.00 0.25 11.01
N LYS A 93 -15.00 0.24 11.01
CA LYS A 93 -16.22 -0.09 11.73
CA LYS A 93 -16.08 -0.45 11.72
C LYS A 93 -16.29 -1.54 12.19
C LYS A 93 -15.82 -1.94 11.85
N ALA A 94 -15.30 -2.36 11.85
N ALA A 94 -14.94 -2.49 11.02
CA ALA A 94 -15.24 -3.74 12.31
CA ALA A 94 -14.56 -3.90 11.11
C ALA A 94 -13.78 -4.11 12.56
C ALA A 94 -13.11 -4.04 10.68
N SER A 95 -13.55 -4.93 13.57
N SER A 95 -12.36 -4.87 11.40
CA SER A 95 -12.19 -5.37 13.86
CA SER A 95 -10.98 -5.15 11.07
C SER A 95 -11.72 -6.40 12.83
C SER A 95 -10.73 -6.66 11.08
N ASN A 96 -10.42 -6.37 12.56
N ASN A 96 -9.77 -7.08 10.26
CA ASN A 96 -9.81 -7.37 11.70
CA ASN A 96 -9.43 -8.49 10.11
C ASN A 96 -8.35 -7.52 12.10
C ASN A 96 -8.12 -8.86 10.79
N GLY A 97 -7.76 -8.65 11.73
N GLY A 97 -7.45 -7.91 11.45
CA GLY A 97 -6.38 -8.90 12.08
CA GLY A 97 -6.16 -8.20 12.05
C GLY A 97 -6.23 -9.83 13.26
C GLY A 97 -6.27 -9.23 13.16
N GLU A 98 -5.20 -10.67 13.21
N GLU A 98 -5.29 -10.15 13.20
CA GLU A 98 -5.08 -11.75 14.18
CA GLU A 98 -5.41 -11.31 14.09
C GLU A 98 -4.60 -11.29 15.54
C GLU A 98 -4.95 -11.03 15.51
N PHE A 99 -4.05 -10.07 15.69
CA PHE A 99 -3.51 -9.69 16.98
C PHE A 99 -4.34 -8.60 17.66
N SER A 100 -4.40 -8.67 18.99
CA SER A 100 -5.12 -7.69 19.78
C SER A 100 -4.21 -7.18 20.90
N ILE A 101 -4.34 -5.89 21.19
CA ILE A 101 -3.54 -5.27 22.25
C ILE A 101 -3.74 -6.00 23.56
N ALA A 102 -4.96 -6.46 23.81
N ALA A 102 -4.99 -6.28 23.91
CA ALA A 102 -5.37 -7.10 25.06
CA ALA A 102 -5.26 -6.84 25.23
C ALA A 102 -4.86 -8.53 25.21
C ALA A 102 -4.68 -8.23 25.42
N ASN A 103 -4.37 -9.16 24.14
N ASN A 103 -4.18 -8.85 24.36
CA ASN A 103 -3.78 -10.49 24.23
CA ASN A 103 -3.81 -10.26 24.35
C ASN A 103 -2.32 -10.42 23.77
C ASN A 103 -2.41 -10.39 23.73
N ASN A 104 -1.48 -9.71 24.50
N ASN A 104 -1.39 -9.91 24.45
CA ASN A 104 -0.03 -9.72 24.25
CA ASN A 104 0.00 -10.05 24.03
C ASN A 104 0.29 -9.23 22.84
C ASN A 104 0.23 -9.50 22.62
N GLY A 105 -0.45 -8.22 22.38
N GLY A 105 -0.58 -8.52 22.21
CA GLY A 105 -0.28 -7.78 20.99
CA GLY A 105 -0.61 -8.13 20.81
C GLY A 105 1.15 -7.42 20.66
C GLY A 105 0.71 -7.57 20.34
N GLN A 106 1.81 -6.65 21.54
N GLN A 106 1.28 -6.63 21.08
CA GLN A 106 3.15 -6.16 21.24
CA GLN A 106 2.55 -6.06 20.66
C GLN A 106 4.13 -7.32 21.05
C GLN A 106 3.66 -7.11 20.67
N ALA A 107 4.16 -8.27 21.99
N ALA A 107 3.70 -7.97 21.70
CA ALA A 107 5.04 -9.42 21.83
CA ALA A 107 4.74 -9.00 21.75
C ALA A 107 4.67 -10.22 20.58
C ALA A 107 4.61 -10.00 20.60
N ASN A 108 3.37 -10.38 20.30
CA ASN A 108 3.04 -11.20 19.14
C ASN A 108 3.45 -10.52 17.84
N TYR A 109 3.26 -9.20 17.76
CA TYR A 109 3.68 -8.46 16.58
C TYR A 109 5.19 -8.49 16.43
N GLU A 110 5.92 -8.36 17.53
CA GLU A 110 7.37 -8.44 17.47
CA GLU A 110 7.35 -8.40 17.39
C GLU A 110 7.83 -9.78 16.93
N ASN A 111 7.14 -10.85 17.34
CA ASN A 111 7.48 -12.17 16.83
C ASN A 111 7.17 -12.29 15.34
N TYR A 112 6.08 -11.68 14.88
CA TYR A 112 5.77 -11.60 13.45
C TYR A 112 6.90 -10.92 12.69
N ILE A 113 7.37 -9.77 13.19
CA ILE A 113 8.51 -9.10 12.56
C ILE A 113 9.75 -9.99 12.60
N ASP A 114 10.00 -10.65 13.74
CA ASP A 114 11.18 -11.48 13.86
C ASP A 114 11.17 -12.61 12.82
N GLN A 115 9.99 -13.19 12.58
CA GLN A 115 9.89 -14.26 11.59
C GLN A 115 10.15 -13.74 10.19
N ILE A 116 9.69 -12.51 9.89
CA ILE A 116 9.96 -11.89 8.59
C ILE A 116 11.45 -11.62 8.43
N VAL A 117 12.07 -11.02 9.46
CA VAL A 117 13.50 -10.75 9.43
C VAL A 117 14.29 -12.05 9.21
N ALA A 118 13.88 -13.13 9.89
CA ALA A 118 14.59 -14.39 9.79
C ALA A 118 14.55 -14.95 8.37
N GLN A 119 13.46 -14.71 7.64
CA GLN A 119 13.42 -15.07 6.22
C GLN A 119 14.35 -14.18 5.40
N ILE A 120 14.21 -12.86 5.55
CA ILE A 120 14.96 -11.91 4.72
C ILE A 120 16.46 -12.09 4.89
N GLN A 121 16.89 -12.40 6.13
CA GLN A 121 18.31 -12.56 6.42
CA GLN A 121 18.30 -12.61 6.47
C GLN A 121 18.94 -13.67 5.59
N GLN A 122 18.16 -14.66 5.16
CA GLN A 122 18.72 -15.80 4.44
CA GLN A 122 18.71 -15.80 4.44
C GLN A 122 18.97 -15.53 2.96
N PHE A 123 18.49 -14.41 2.43
CA PHE A 123 18.57 -14.14 0.98
C PHE A 123 19.15 -12.76 0.72
N PRO A 124 20.42 -12.55 1.09
CA PRO A 124 21.00 -11.21 0.96
C PRO A 124 21.16 -10.74 -0.46
N ASP A 125 21.11 -11.61 -1.46
CA ASP A 125 21.22 -11.15 -2.83
C ASP A 125 19.90 -10.67 -3.41
N VAL A 126 18.83 -10.64 -2.62
CA VAL A 126 17.53 -10.13 -3.04
C VAL A 126 17.25 -8.84 -2.28
N ARG A 127 16.89 -7.79 -3.01
CA ARG A 127 16.49 -6.54 -2.38
C ARG A 127 15.01 -6.62 -2.00
N VAL A 128 14.66 -5.99 -0.87
CA VAL A 128 13.28 -5.94 -0.40
C VAL A 128 12.89 -4.49 -0.20
N VAL A 129 11.71 -4.13 -0.71
CA VAL A 129 11.07 -2.86 -0.42
C VAL A 129 9.79 -3.16 0.34
N ALA A 130 9.60 -2.48 1.47
CA ALA A 130 8.43 -2.68 2.32
C ALA A 130 7.67 -1.39 2.53
N VAL A 131 6.35 -1.46 2.37
CA VAL A 131 5.42 -0.44 2.86
C VAL A 131 5.05 -0.81 4.29
N ILE A 132 5.20 0.14 5.20
CA ILE A 132 5.01 -0.12 6.63
C ILE A 132 3.61 0.32 7.07
N GLU A 133 2.76 -0.68 7.36
CA GLU A 133 1.48 -0.56 8.07
C GLU A 133 0.54 0.50 7.53
N PRO A 134 -0.10 0.22 6.39
CA PRO A 134 -1.21 1.06 5.94
C PRO A 134 -2.24 1.25 7.04
N ASP A 135 -2.94 2.38 7.00
N ASP A 135 -2.80 2.48 7.02
CA ASP A 135 -4.07 2.59 7.91
CA ASP A 135 -3.91 3.03 7.82
C ASP A 135 -3.63 2.48 9.38
C ASP A 135 -3.51 3.53 9.21
N SER A 136 -2.43 2.98 9.71
CA SER A 136 -1.97 3.03 11.11
C SER A 136 -1.64 4.44 11.59
N LEU A 137 -0.42 4.90 11.29
CA LEU A 137 0.04 6.21 11.78
C LEU A 137 -0.88 7.34 11.36
N ALA A 138 -1.47 7.27 10.17
N ALA A 138 -1.51 7.24 10.18
CA ALA A 138 -2.36 8.35 9.75
CA ALA A 138 -2.41 8.30 9.75
C ALA A 138 -3.55 8.50 10.72
C ALA A 138 -3.57 8.51 10.72
N ASN A 139 -4.03 7.40 11.29
N ASN A 139 -3.97 7.46 11.46
CA ASN A 139 -5.08 7.48 12.30
CA ASN A 139 -4.97 7.63 12.51
C ASN A 139 -4.64 8.23 13.54
C ASN A 139 -4.45 8.45 13.66
N LEU A 140 -3.35 8.23 13.84
N LEU A 140 -3.17 8.26 14.01
CA LEU A 140 -2.87 8.93 15.02
CA LEU A 140 -2.56 9.02 15.08
C LEU A 140 -2.74 10.43 14.79
C LEU A 140 -2.45 10.50 14.75
N VAL A 141 -2.87 10.89 13.55
CA VAL A 141 -2.93 12.31 13.24
C VAL A 141 -4.35 12.82 13.45
N THR A 142 -5.31 12.27 12.72
N THR A 142 -5.32 12.20 12.77
CA THR A 142 -6.63 12.87 12.62
CA THR A 142 -6.68 12.73 12.73
C THR A 142 -7.70 12.17 13.46
C THR A 142 -7.68 12.01 13.63
N ASN A 143 -7.42 10.98 14.00
N ASN A 143 -7.39 10.78 14.08
CA ASN A 143 -8.48 10.12 14.52
CA ASN A 143 -8.41 9.96 14.74
C ASN A 143 -8.28 9.74 15.98
C ASN A 143 -8.12 9.72 16.22
N LEU A 144 -7.60 10.57 16.75
N LEU A 144 -7.43 10.66 16.89
CA LEU A 144 -7.44 10.29 18.18
CA LEU A 144 -7.15 10.48 18.31
C LEU A 144 -8.74 10.47 18.95
C LEU A 144 -8.39 10.53 19.18
N ASN A 145 -9.77 11.08 18.35
N ASN A 145 -9.54 10.89 18.60
CA ASN A 145 -11.10 11.08 18.95
CA ASN A 145 -10.79 10.91 19.34
C ASN A 145 -11.80 9.74 18.82
C ASN A 145 -11.61 9.66 19.11
N VAL A 146 -11.28 8.84 18.00
N VAL A 146 -11.31 8.91 18.05
CA VAL A 146 -11.79 7.47 17.91
CA VAL A 146 -11.76 7.54 17.97
C VAL A 146 -11.15 6.70 19.05
C VAL A 146 -11.13 6.80 19.12
N GLN A 147 -11.95 6.27 20.02
CA GLN A 147 -11.40 5.67 21.24
C GLN A 147 -10.49 4.48 20.96
N LYS A 148 -10.84 3.63 20.00
CA LYS A 148 -9.97 2.51 19.69
C LYS A 148 -8.59 2.98 19.22
N CYS A 149 -8.55 4.09 18.49
CA CYS A 149 -7.28 4.64 18.05
C CYS A 149 -6.50 5.27 19.20
N ALA A 150 -7.16 6.05 20.05
CA ALA A 150 -6.50 6.60 21.22
C ALA A 150 -5.88 5.49 22.06
N ASN A 151 -6.62 4.41 22.26
CA ASN A 151 -6.13 3.32 23.09
C ASN A 151 -5.05 2.51 22.39
N ALA A 152 -4.98 2.57 21.05
CA ALA A 152 -3.96 1.86 20.29
C ALA A 152 -2.69 2.67 20.07
N LYS A 153 -2.70 3.97 20.39
CA LYS A 153 -1.61 4.86 19.99
C LYS A 153 -0.24 4.34 20.42
N THR A 154 -0.07 4.03 21.71
CA THR A 154 1.25 3.61 22.14
C THR A 154 1.67 2.29 21.49
N THR A 155 0.72 1.38 21.25
CA THR A 155 1.06 0.12 20.61
C THR A 155 1.43 0.32 19.15
N TYR A 156 0.67 1.13 18.42
CA TYR A 156 1.02 1.42 17.04
C TYR A 156 2.43 1.99 16.94
N LEU A 157 2.73 2.97 17.80
CA LEU A 157 4.05 3.59 17.74
C LEU A 157 5.14 2.61 18.08
N ALA A 158 4.94 1.80 19.12
CA ALA A 158 5.98 0.85 19.53
C ALA A 158 6.17 -0.23 18.49
N SER A 159 5.07 -0.70 17.91
CA SER A 159 5.15 -1.79 16.96
C SER A 159 5.73 -1.33 15.63
N VAL A 160 5.30 -0.17 15.13
CA VAL A 160 5.93 0.38 13.93
C VAL A 160 7.42 0.62 14.19
N ASN A 161 7.77 1.15 15.37
CA ASN A 161 9.18 1.33 15.68
C ASN A 161 9.95 0.03 15.62
N TYR A 162 9.38 -1.04 16.17
CA TYR A 162 10.06 -2.33 16.15
C TYR A 162 10.27 -2.83 14.74
N ALA A 163 9.26 -2.67 13.89
CA ALA A 163 9.37 -3.05 12.49
C ALA A 163 10.48 -2.27 11.79
N LEU A 164 10.46 -0.94 11.93
CA LEU A 164 11.48 -0.12 11.26
C LEU A 164 12.87 -0.48 11.73
N THR A 165 13.03 -0.60 13.05
N THR A 165 13.08 -0.58 13.04
CA THR A 165 14.33 -0.83 13.67
CA THR A 165 14.45 -0.82 13.49
C THR A 165 14.91 -2.17 13.25
C THR A 165 14.93 -2.20 13.06
N ASN A 166 14.08 -3.21 13.20
CA ASN A 166 14.56 -4.55 12.91
C ASN A 166 14.65 -4.86 11.43
N LEU A 167 13.73 -4.34 10.62
CA LEU A 167 13.89 -4.53 9.17
C LEU A 167 15.08 -3.77 8.64
N ALA A 168 15.45 -2.64 9.27
CA ALA A 168 16.65 -1.92 8.85
C ALA A 168 17.90 -2.77 9.01
N LYS A 169 17.93 -3.65 10.02
CA LYS A 169 19.10 -4.48 10.28
C LYS A 169 19.38 -5.47 9.15
N VAL A 170 18.38 -5.79 8.35
CA VAL A 170 18.55 -6.65 7.18
C VAL A 170 18.44 -5.85 5.88
N GLY A 171 18.57 -4.53 5.96
CA GLY A 171 18.74 -3.72 4.76
C GLY A 171 17.51 -3.53 3.92
N VAL A 172 16.32 -3.67 4.51
CA VAL A 172 15.06 -3.46 3.80
C VAL A 172 14.83 -1.97 3.58
N TYR A 173 14.50 -1.59 2.34
CA TYR A 173 14.13 -0.22 2.04
C TYR A 173 12.66 -0.01 2.38
N MET A 174 12.39 1.01 3.20
N MET A 174 12.37 1.03 3.16
CA MET A 174 11.07 1.16 3.81
CA MET A 174 11.06 1.14 3.82
C MET A 174 10.44 2.49 3.48
C MET A 174 10.40 2.49 3.61
N TYR A 175 9.12 2.44 3.24
CA TYR A 175 8.27 3.61 3.08
C TYR A 175 7.12 3.45 4.06
N MET A 176 7.04 4.36 5.04
N MET A 176 6.99 4.39 4.99
CA MET A 176 5.92 4.32 5.98
CA MET A 176 5.93 4.29 5.98
C MET A 176 4.64 4.75 5.28
C MET A 176 4.63 4.80 5.36
N ASP A 177 3.53 4.07 5.58
CA ASP A 177 2.27 4.54 5.02
C ASP A 177 1.94 5.92 5.56
N ALA A 178 1.46 6.79 4.68
CA ALA A 178 1.13 8.16 5.03
C ALA A 178 -0.21 8.58 4.46
N GLY A 179 -1.19 7.67 4.43
CA GLY A 179 -2.51 8.10 3.98
C GLY A 179 -2.47 8.63 2.57
N HIS A 180 -3.28 9.66 2.31
CA HIS A 180 -3.45 10.21 0.97
C HIS A 180 -3.83 11.68 1.09
N ALA A 181 -3.98 12.35 -0.05
CA ALA A 181 -4.20 13.78 -0.06
C ALA A 181 -5.46 14.19 0.70
N GLY A 182 -6.49 13.35 0.66
CA GLY A 182 -7.73 13.65 1.35
C GLY A 182 -7.77 13.25 2.79
N TRP A 183 -6.65 12.73 3.29
CA TRP A 183 -6.52 12.36 4.69
C TRP A 183 -5.52 13.29 5.36
N LEU A 184 -4.24 13.16 5.05
CA LEU A 184 -3.20 13.98 5.65
C LEU A 184 -2.79 15.18 4.79
N GLY A 185 -3.29 15.28 3.55
CA GLY A 185 -2.92 16.36 2.66
C GLY A 185 -3.68 17.65 2.86
N TRP A 186 -4.80 17.62 3.58
CA TRP A 186 -5.42 18.87 4.02
C TRP A 186 -4.34 19.76 4.61
N PRO A 187 -4.23 21.02 4.20
CA PRO A 187 -3.14 21.87 4.72
C PRO A 187 -2.99 21.83 6.23
N ALA A 188 -4.09 21.83 6.97
CA ALA A 188 -4.01 21.85 8.43
C ALA A 188 -3.50 20.55 9.02
N ASN A 189 -3.54 19.44 8.27
CA ASN A 189 -3.02 18.17 8.77
C ASN A 189 -1.55 17.95 8.42
N LEU A 190 -0.95 18.81 7.59
N LEU A 190 -1.01 18.74 7.47
CA LEU A 190 0.41 18.55 7.13
CA LEU A 190 0.29 18.49 6.87
C LEU A 190 1.41 18.60 8.28
C LEU A 190 1.41 18.61 7.89
N SER A 191 1.34 19.66 9.08
N SER A 191 1.48 19.75 8.59
CA SER A 191 2.32 19.81 10.15
CA SER A 191 2.46 19.90 9.66
C SER A 191 2.18 18.75 11.23
C SER A 191 2.29 18.85 10.76
N PRO A 192 0.99 18.47 11.77
N PRO A 192 1.09 18.61 11.31
CA PRO A 192 0.91 17.35 12.72
CA PRO A 192 0.94 17.48 12.24
C PRO A 192 1.36 16.03 12.14
C PRO A 192 1.48 16.16 11.69
N ALA A 193 1.11 15.80 10.85
N ALA A 193 1.23 15.88 10.42
CA ALA A 193 1.61 14.58 10.20
CA ALA A 193 1.73 14.65 9.82
C ALA A 193 3.13 14.57 10.16
C ALA A 193 3.25 14.66 9.71
N ALA A 194 3.74 15.67 9.70
N ALA A 194 3.81 15.76 9.22
CA ALA A 194 5.20 15.74 9.64
CA ALA A 194 5.27 15.85 9.12
C ALA A 194 5.80 15.53 11.01
C ALA A 194 5.92 15.67 10.48
N GLN A 195 5.20 16.13 12.04
N GLN A 195 5.36 16.29 11.53
CA GLN A 195 5.72 15.97 13.39
CA GLN A 195 5.93 16.15 12.87
C GLN A 195 5.70 14.51 13.82
C GLN A 195 5.94 14.69 13.31
N LEU A 196 4.60 13.80 13.54
N LEU A 196 4.84 13.97 13.07
CA LEU A 196 4.50 12.41 13.91
CA LEU A 196 4.76 12.59 13.53
C LEU A 196 5.52 11.55 13.15
C LEU A 196 5.77 11.71 12.78
N PHE A 197 5.56 11.70 11.82
N PHE A 197 5.83 11.82 11.46
CA PHE A 197 6.48 10.88 11.02
CA PHE A 197 6.66 10.90 10.70
C PHE A 197 7.93 11.13 11.42
C PHE A 197 8.14 11.15 10.95
N THR A 198 8.29 12.39 11.68
N THR A 198 8.54 12.42 11.12
CA THR A 198 9.65 12.69 12.09
CA THR A 198 9.92 12.71 11.47
C THR A 198 9.98 12.05 13.43
C THR A 198 10.25 12.17 12.86
N GLN A 199 9.04 12.06 14.38
N GLN A 199 9.32 12.34 13.79
CA GLN A 199 9.31 11.41 15.66
CA GLN A 199 9.40 11.71 15.11
C GLN A 199 9.50 9.90 15.50
C GLN A 199 9.65 10.21 15.03
N VAL A 200 8.70 9.29 14.63
N VAL A 200 8.87 9.50 14.21
CA VAL A 200 8.85 7.86 14.34
CA VAL A 200 9.03 8.05 14.08
C VAL A 200 10.22 7.58 13.74
C VAL A 200 10.37 7.71 13.43
N TRP A 201 10.62 8.39 12.76
N TRP A 201 10.79 8.51 12.45
CA TRP A 201 11.93 8.26 12.14
CA TRP A 201 12.08 8.34 11.81
C TRP A 201 13.06 8.42 13.17
C TRP A 201 13.21 8.48 12.82
N GLN A 202 12.93 9.40 14.07
N GLN A 202 13.09 9.44 13.72
CA GLN A 202 13.92 9.60 15.12
CA GLN A 202 14.13 9.67 14.73
C GLN A 202 14.01 8.39 16.04
C GLN A 202 14.17 8.54 15.76
N ASN A 203 12.87 7.83 16.43
N ASN A 203 13.00 8.13 16.26
CA ASN A 203 12.90 6.71 17.37
CA ASN A 203 12.97 7.08 17.27
C ASN A 203 13.56 5.48 16.77
C ASN A 203 13.53 5.76 16.74
N ALA A 204 13.44 5.30 15.46
N ALA A 204 13.39 5.52 15.44
CA ALA A 204 14.07 4.19 14.77
CA ALA A 204 13.96 4.37 14.75
C ALA A 204 15.49 4.51 14.35
C ALA A 204 15.39 4.63 14.28
N GLY A 205 16.08 5.58 14.88
CA GLY A 205 17.48 5.84 14.64
C GLY A 205 17.83 6.54 13.35
N LYS A 206 16.84 7.12 12.66
CA LYS A 206 17.10 7.85 11.42
C LYS A 206 17.79 6.97 10.39
N SER A 207 17.50 5.67 10.37
CA SER A 207 18.23 4.77 9.49
C SER A 207 18.08 5.23 8.04
N PRO A 208 19.16 5.21 7.24
CA PRO A 208 19.02 5.56 5.81
CA PRO A 208 19.01 5.57 5.83
C PRO A 208 18.10 4.62 5.05
N PHE A 209 17.83 3.44 5.58
CA PHE A 209 16.88 2.53 4.94
C PHE A 209 15.43 3.01 5.05
N ILE A 210 15.15 3.93 5.96
CA ILE A 210 13.82 4.52 6.09
C ILE A 210 13.77 5.64 5.06
N LYS A 211 13.35 5.29 3.84
CA LYS A 211 13.49 6.20 2.72
CA LYS A 211 13.49 6.20 2.72
C LYS A 211 12.47 7.32 2.75
N GLY A 212 11.28 7.06 3.27
CA GLY A 212 10.24 8.06 3.23
C GLY A 212 8.88 7.43 3.44
N LEU A 213 7.92 7.83 2.60
CA LEU A 213 6.51 7.59 2.83
C LEU A 213 5.86 7.03 1.58
N ALA A 214 4.80 6.24 1.79
CA ALA A 214 3.94 5.72 0.73
C ALA A 214 2.58 6.38 0.83
N THR A 215 2.02 6.79 -0.30
CA THR A 215 0.73 7.45 -0.30
C THR A 215 -0.25 6.77 -1.25
N ASN A 216 -1.53 7.01 -0.99
CA ASN A 216 -2.64 6.50 -1.79
C ASN A 216 -2.77 4.99 -1.74
N VAL A 217 -2.12 4.33 -0.77
CA VAL A 217 -2.18 2.87 -0.71
C VAL A 217 -3.62 2.42 -0.58
N ALA A 218 -4.02 1.51 -1.47
CA ALA A 218 -5.37 0.96 -1.49
C ALA A 218 -6.44 2.00 -1.76
N ASN A 219 -6.06 3.18 -2.24
CA ASN A 219 -7.01 4.23 -2.52
C ASN A 219 -7.09 4.49 -4.03
N TYR A 220 -7.69 5.63 -4.40
CA TYR A 220 -8.15 5.87 -5.76
CA TYR A 220 -8.14 5.87 -5.76
C TYR A 220 -7.78 7.27 -6.26
N ASN A 221 -7.01 8.04 -5.50
CA ASN A 221 -6.75 9.41 -5.90
C ASN A 221 -5.86 9.47 -7.14
N ALA A 222 -5.98 10.56 -7.89
CA ALA A 222 -5.05 10.84 -8.96
C ALA A 222 -3.70 11.21 -8.37
N LEU A 223 -2.64 10.84 -9.09
CA LEU A 223 -1.34 11.47 -8.83
C LEU A 223 -1.36 12.93 -9.28
N GLN A 224 -1.73 13.17 -10.54
N GLN A 224 -1.83 13.16 -10.51
CA GLN A 224 -1.85 14.51 -11.08
CA GLN A 224 -1.94 14.50 -11.07
C GLN A 224 -3.17 14.60 -11.84
C GLN A 224 -3.29 14.63 -11.78
N ALA A 225 -4.16 15.19 -11.21
N ALA A 225 -4.09 15.59 -11.35
CA ALA A 225 -5.52 15.23 -11.75
CA ALA A 225 -5.43 15.80 -11.90
C ALA A 225 -5.61 16.29 -12.84
C ALA A 225 -5.49 17.18 -12.54
N ALA A 226 -6.39 15.97 -13.88
N ALA A 226 -5.86 17.22 -13.82
CA ALA A 226 -6.64 16.95 -14.94
CA ALA A 226 -6.07 18.51 -14.47
C ALA A 226 -7.45 18.14 -14.42
C ALA A 226 -7.29 19.21 -13.89
N SER A 227 -8.39 17.87 -13.52
N SER A 227 -8.31 18.46 -13.49
CA SER A 227 -9.14 18.90 -12.81
CA SER A 227 -9.52 19.02 -12.91
C SER A 227 -9.57 18.29 -11.49
C SER A 227 -9.76 18.35 -11.55
N PRO A 228 -9.85 19.11 -10.47
CA PRO A 228 -10.10 18.51 -9.15
C PRO A 228 -11.38 17.68 -9.14
N ASP A 229 -11.29 16.52 -8.50
CA ASP A 229 -12.47 15.69 -8.28
C ASP A 229 -13.40 16.45 -7.32
N PRO A 230 -14.70 16.52 -7.59
CA PRO A 230 -15.60 17.26 -6.69
C PRO A 230 -15.51 16.84 -5.22
N ILE A 231 -15.09 15.62 -4.92
CA ILE A 231 -14.95 15.19 -3.53
C ILE A 231 -13.93 16.02 -2.77
N THR A 232 -13.07 16.75 -3.47
CA THR A 232 -11.93 17.42 -2.86
C THR A 232 -12.22 18.85 -2.43
N GLN A 233 -13.44 19.34 -2.59
CA GLN A 233 -13.74 20.75 -2.35
C GLN A 233 -13.33 21.14 -0.94
N GLY A 234 -12.62 22.27 -0.84
CA GLY A 234 -12.10 22.77 0.41
C GLY A 234 -10.64 22.47 0.63
N ASN A 235 -10.08 21.50 -0.10
CA ASN A 235 -8.70 21.07 0.04
C ASN A 235 -7.92 21.48 -1.21
N PRO A 236 -7.00 22.44 -1.11
CA PRO A 236 -6.20 22.79 -2.30
C PRO A 236 -5.31 21.66 -2.76
N ASN A 237 -5.03 20.69 -1.89
CA ASN A 237 -4.21 19.54 -2.27
C ASN A 237 -5.13 18.41 -2.70
N TYR A 238 -5.59 18.51 -3.96
CA TYR A 238 -6.65 17.66 -4.49
C TYR A 238 -6.14 16.39 -5.14
N ASP A 239 -4.83 16.22 -5.21
CA ASP A 239 -4.23 15.01 -5.76
C ASP A 239 -2.94 14.71 -5.02
N GLU A 240 -2.34 13.56 -5.34
CA GLU A 240 -1.19 13.13 -4.55
C GLU A 240 0.03 14.03 -4.78
N ILE A 241 0.21 14.57 -6.00
CA ILE A 241 1.37 15.41 -6.22
C ILE A 241 1.30 16.69 -5.38
N HIS A 242 0.11 17.27 -5.24
CA HIS A 242 -0.03 18.43 -4.37
C HIS A 242 0.31 18.08 -2.93
N TYR A 243 -0.21 16.95 -2.44
CA TYR A 243 0.07 16.50 -1.08
C TYR A 243 1.56 16.33 -0.85
N ILE A 244 2.22 15.62 -1.75
N ILE A 244 2.22 15.55 -1.71
CA ILE A 244 3.64 15.31 -1.60
CA ILE A 244 3.63 15.26 -1.50
C ILE A 244 4.48 16.57 -1.68
C ILE A 244 4.47 16.52 -1.67
N ASN A 245 4.15 17.48 -2.59
N ASN A 245 4.18 17.30 -2.71
CA ASN A 245 4.90 18.72 -2.72
CA ASN A 245 4.91 18.56 -2.91
C ASN A 245 4.83 19.53 -1.44
C ASN A 245 4.65 19.54 -1.78
N ALA A 246 3.68 19.46 -0.75
N ALA A 246 3.51 19.39 -1.08
CA ALA A 246 3.47 20.23 0.46
CA ALA A 246 3.19 20.17 0.11
C ALA A 246 4.12 19.59 1.67
C ALA A 246 3.49 19.41 1.40
N LEU A 247 4.10 18.26 1.76
N LEU A 247 4.07 18.22 1.31
CA LEU A 247 4.63 17.57 2.95
CA LEU A 247 4.53 17.49 2.49
C LEU A 247 6.14 17.43 2.91
C LEU A 247 6.02 17.20 2.46
N ALA A 248 6.71 17.10 1.76
N ALA A 248 6.62 17.08 1.29
CA ALA A 248 8.14 16.83 1.67
CA ALA A 248 8.04 16.71 1.23
C ALA A 248 9.04 17.89 2.32
C ALA A 248 8.97 17.79 1.76
N PRO A 249 8.84 19.20 2.08
N PRO A 249 8.79 19.09 1.44
CA PRO A 249 9.74 20.17 2.70
CA PRO A 249 9.71 20.09 2.01
C PRO A 249 9.67 20.19 4.22
C PRO A 249 9.57 20.27 3.51
N LEU A 250 8.54 19.81 4.80
N LEU A 250 8.38 20.01 4.08
CA LEU A 250 8.44 19.76 6.25
CA LEU A 250 8.24 20.06 5.53
C LEU A 250 9.33 18.66 6.80
C LEU A 250 9.11 18.99 6.18
N LEU A 251 9.41 17.53 6.11
N LEU A 251 9.17 17.81 5.57
CA LEU A 251 10.30 16.46 6.53
CA LEU A 251 10.04 16.75 6.07
C LEU A 251 11.76 16.82 6.29
C LEU A 251 11.51 17.14 5.92
N GLN A 252 12.06 17.47 5.15
N GLN A 252 11.88 17.71 4.77
CA GLN A 252 13.43 17.92 4.88
CA GLN A 252 13.26 18.15 4.57
C GLN A 252 13.96 18.81 6.00
C GLN A 252 13.62 19.27 5.52
N GLN A 253 13.12 19.71 6.53
N GLN A 253 12.66 20.14 5.86
CA GLN A 253 13.55 20.62 7.60
CA GLN A 253 12.88 21.19 6.85
C GLN A 253 14.02 19.87 8.83
C GLN A 253 13.11 20.64 8.24
N ALA A 254 13.47 18.69 9.08
N ALA A 254 12.64 19.42 8.51
CA ALA A 254 13.84 17.88 10.23
CA ALA A 254 12.85 18.76 9.80
C ALA A 254 15.13 17.11 10.01
C ALA A 254 14.11 17.90 9.83
N GLY A 255 15.74 17.22 8.83
N GLY A 255 14.79 17.73 8.70
CA GLY A 255 16.92 16.44 8.50
CA GLY A 255 16.06 17.05 8.66
C GLY A 255 16.65 15.15 7.78
C GLY A 255 16.09 15.66 8.04
N TRP A 256 15.41 14.92 7.34
N TRP A 256 15.03 15.22 7.38
CA TRP A 256 14.97 13.72 6.66
CA TRP A 256 15.06 13.91 6.72
C TRP A 256 14.57 14.14 5.26
C TRP A 256 14.71 14.01 5.24
N ASP A 257 15.49 13.97 4.31
N ASP A 257 15.66 13.60 4.40
CA ASP A 257 15.21 14.28 2.92
CA ASP A 257 15.46 13.59 2.94
C ASP A 257 14.45 13.10 2.33
C ASP A 257 14.57 12.40 2.58
N ALA A 258 13.18 13.04 2.68
N ALA A 258 13.28 12.57 2.84
CA ALA A 258 12.37 11.88 2.42
CA ALA A 258 12.31 11.52 2.65
C ALA A 258 11.94 11.83 0.97
C ALA A 258 11.75 11.55 1.23
N THR A 259 11.78 10.61 0.46
N THR A 259 11.84 10.42 0.54
CA THR A 259 11.19 10.38 -0.84
CA THR A 259 11.26 10.24 -0.77
C THR A 259 9.96 9.48 -0.67
C THR A 259 9.88 9.58 -0.63
N PHE A 260 9.21 9.34 -1.76
CA PHE A 260 7.84 8.86 -1.72
C PHE A 260 7.59 7.81 -2.78
N ILE A 261 6.64 6.93 -2.51
CA ILE A 261 6.05 6.10 -3.54
C ILE A 261 4.54 6.29 -3.48
N VAL A 262 3.88 6.15 -4.63
CA VAL A 262 2.45 6.45 -4.76
CA VAL A 262 2.46 6.44 -4.74
C VAL A 262 1.75 5.29 -5.43
N ASP A 263 0.75 4.72 -4.77
CA ASP A 263 -0.08 3.69 -5.37
C ASP A 263 -0.96 4.33 -6.43
N GLN A 264 -0.95 3.76 -7.64
CA GLN A 264 -1.88 4.14 -8.70
C GLN A 264 -2.62 2.94 -9.26
N GLY A 265 -2.56 1.79 -8.57
CA GLY A 265 -3.14 0.58 -9.10
C GLY A 265 -4.61 0.69 -9.44
N ARG A 266 -5.38 1.49 -8.71
CA ARG A 266 -6.81 1.63 -8.96
C ARG A 266 -7.21 3.08 -9.20
N SER A 267 -6.32 3.85 -9.82
CA SER A 267 -6.52 5.28 -10.03
C SER A 267 -6.86 5.65 -11.47
N GLY A 268 -7.12 4.65 -12.33
CA GLY A 268 -7.36 4.94 -13.73
C GLY A 268 -8.61 5.75 -14.00
N VAL A 269 -9.60 5.66 -13.12
CA VAL A 269 -10.86 6.38 -13.28
C VAL A 269 -11.04 7.31 -12.09
N GLN A 270 -11.13 8.60 -12.37
CA GLN A 270 -11.36 9.62 -11.37
C GLN A 270 -12.85 9.95 -11.33
N ASN A 271 -13.25 10.71 -10.31
CA ASN A 271 -14.61 11.24 -10.22
C ASN A 271 -15.65 10.12 -10.10
N ILE A 272 -15.35 9.13 -9.26
N ILE A 272 -15.36 9.14 -9.25
CA ILE A 272 -16.21 7.97 -9.05
CA ILE A 272 -16.28 8.02 -9.04
C ILE A 272 -16.73 7.87 -7.62
C ILE A 272 -16.83 7.96 -7.62
N ARG A 273 -16.50 8.88 -6.78
N ARG A 273 -16.18 8.57 -6.63
CA ARG A 273 -16.87 8.81 -5.38
CA ARG A 273 -16.66 8.54 -5.26
C ARG A 273 -17.84 9.92 -5.00
C ARG A 273 -17.69 9.64 -5.01
N GLN A 274 -18.75 9.60 -4.08
N GLN A 274 -18.71 9.30 -4.22
CA GLN A 274 -19.62 10.64 -3.53
CA GLN A 274 -19.66 10.30 -3.77
C GLN A 274 -18.88 11.48 -2.50
C GLN A 274 -19.14 11.13 -2.60
N GLN A 275 -18.24 10.82 -1.54
N GLN A 275 -18.03 10.72 -2.01
CA GLN A 275 -17.47 11.48 -0.49
CA GLN A 275 -17.42 11.42 -0.88
C GLN A 275 -16.04 10.95 -0.53
C GLN A 275 -15.98 10.92 -0.78
N TRP A 276 -15.09 11.82 -0.20
N TRP A 276 -15.04 11.85 -0.52
CA TRP A 276 -13.69 11.44 -0.32
CA TRP A 276 -13.62 11.50 -0.50
C TRP A 276 -13.34 10.24 0.56
C TRP A 276 -13.31 10.36 0.47
N GLY A 277 -13.96 10.14 1.72
N GLY A 277 -14.03 10.29 1.60
CA GLY A 277 -13.66 9.07 2.64
CA GLY A 277 -13.78 9.26 2.59
C GLY A 277 -14.22 7.71 2.26
C GLY A 277 -14.16 7.87 2.15
N ASP A 278 -14.99 7.61 1.17
N ASP A 278 -15.06 7.73 1.18
CA ASP A 278 -15.57 6.33 0.77
CA ASP A 278 -15.47 6.41 0.72
C ASP A 278 -14.48 5.48 0.15
C ASP A 278 -14.28 5.70 0.07
N TRP A 279 -14.08 4.42 0.85
N TRP A 279 -14.22 4.39 0.28
CA TRP A 279 -12.88 3.68 0.49
CA TRP A 279 -13.01 3.67 -0.12
C TRP A 279 -13.11 2.27 -0.01
C TRP A 279 -13.27 2.20 -0.46
N CYS A 280 -14.31 1.71 0.15
N CYS A 280 -14.36 1.62 0.03
CA CYS A 280 -14.52 0.27 -0.01
CA CYS A 280 -14.55 0.18 -0.05
C CYS A 280 -15.08 -0.07 -1.39
C CYS A 280 -15.26 -0.17 -1.36
N ASN A 281 -14.33 -0.88 -2.14
N ASN A 281 -14.53 -0.84 -2.26
CA ASN A 281 -14.79 -1.46 -3.41
CA ASN A 281 -15.09 -1.39 -3.49
C ASN A 281 -15.51 -0.45 -4.30
C ASN A 281 -15.72 -0.31 -4.38
N ILE A 282 -14.88 0.72 -4.51
N ILE A 282 -14.99 0.80 -4.56
CA ILE A 282 -15.59 1.79 -5.21
CA ILE A 282 -15.51 1.93 -5.31
C ILE A 282 -15.89 1.37 -6.64
C ILE A 282 -15.87 1.50 -6.73
N LYS A 283 -17.16 1.54 -7.03
CA LYS A 283 -17.66 1.03 -8.30
C LYS A 283 -17.09 1.83 -9.46
N GLY A 284 -16.70 1.13 -10.52
CA GLY A 284 -16.18 1.76 -11.71
C GLY A 284 -14.70 2.06 -11.69
N ALA A 285 -13.98 1.62 -10.66
CA ALA A 285 -12.54 1.83 -10.64
C ALA A 285 -11.86 1.11 -11.79
N GLY A 286 -10.78 1.71 -12.28
CA GLY A 286 -9.98 1.11 -13.33
C GLY A 286 -8.52 1.07 -12.94
N PHE A 287 -7.79 0.09 -13.49
CA PHE A 287 -6.36 0.05 -13.29
C PHE A 287 -5.74 1.37 -13.79
N GLY A 288 -4.75 1.88 -13.05
CA GLY A 288 -4.14 3.15 -13.37
C GLY A 288 -2.74 3.03 -13.94
N THR A 289 -1.99 4.13 -13.84
CA THR A 289 -0.65 4.22 -14.39
C THR A 289 0.19 3.04 -13.91
N ARG A 290 0.88 2.38 -14.84
CA ARG A 290 1.69 1.23 -14.51
CA ARG A 290 1.67 1.22 -14.48
C ARG A 290 2.89 1.65 -13.66
N PRO A 291 3.37 0.77 -12.79
CA PRO A 291 4.55 1.10 -11.98
C PRO A 291 5.72 1.57 -12.83
N THR A 292 6.40 2.61 -12.36
CA THR A 292 7.51 3.22 -13.07
C THR A 292 8.26 4.18 -12.15
N THR A 293 9.57 4.28 -12.35
N THR A 293 9.58 4.24 -12.34
CA THR A 293 10.33 5.33 -11.68
CA THR A 293 10.41 5.25 -11.68
C THR A 293 10.32 6.64 -12.44
C THR A 293 10.36 6.59 -12.41
N ASN A 294 9.56 6.73 -13.53
N ASN A 294 9.86 6.62 -13.64
CA ASN A 294 9.37 7.97 -14.28
CA ASN A 294 9.72 7.87 -14.38
C ASN A 294 8.15 8.66 -13.67
C ASN A 294 8.46 8.58 -13.88
N THR A 295 8.40 9.40 -12.59
N THR A 295 8.61 9.22 -12.71
CA THR A 295 7.33 9.81 -11.70
CA THR A 295 7.51 9.82 -12.00
C THR A 295 6.89 11.24 -11.88
C THR A 295 7.34 11.30 -12.30
N GLY A 296 7.67 12.06 -12.57
N GLY A 296 8.37 11.96 -12.81
CA GLY A 296 7.34 13.47 -12.73
CA GLY A 296 8.28 13.39 -13.04
C GLY A 296 7.66 14.35 -11.54
C GLY A 296 8.37 14.27 -11.81
N SER A 297 8.38 13.85 -10.53
N SER A 297 8.66 13.71 -10.63
CA SER A 297 8.64 14.63 -9.32
CA SER A 297 8.74 14.52 -9.43
C SER A 297 9.97 14.25 -8.69
C SER A 297 10.03 14.22 -8.70
N GLN A 298 10.73 15.28 -8.27
CA GLN A 298 11.93 15.09 -7.48
C GLN A 298 11.69 14.27 -6.23
N PHE A 299 10.46 14.27 -5.70
CA PHE A 299 10.18 13.63 -4.43
C PHE A 299 9.78 12.18 -4.55
N ILE A 300 9.44 11.70 -5.74
CA ILE A 300 8.76 10.41 -5.91
C ILE A 300 9.72 9.42 -6.56
N ASP A 301 10.06 8.37 -5.83
N ASP A 301 10.09 8.38 -5.82
CA ASP A 301 10.94 7.32 -6.35
CA ASP A 301 10.94 7.32 -6.36
C ASP A 301 10.21 6.42 -7.34
C ASP A 301 10.19 6.47 -7.38
N SER A 302 8.94 6.12 -7.09
CA SER A 302 8.21 5.23 -7.98
C SER A 302 6.70 5.42 -7.83
N ILE A 303 6.01 5.33 -8.96
CA ILE A 303 4.62 4.94 -9.00
C ILE A 303 4.60 3.43 -8.84
N VAL A 304 3.68 2.93 -8.00
CA VAL A 304 3.64 1.51 -7.64
C VAL A 304 2.19 1.05 -7.66
N TRP A 305 2.02 -0.28 -7.65
CA TRP A 305 0.71 -0.90 -7.44
C TRP A 305 0.81 -1.64 -6.11
N VAL A 306 0.38 -0.97 -5.05
CA VAL A 306 0.51 -1.57 -3.71
C VAL A 306 -0.63 -2.52 -3.43
N LYS A 307 -1.87 -2.02 -3.46
CA LYS A 307 -3.03 -2.90 -3.34
CA LYS A 307 -3.01 -2.91 -3.34
C LYS A 307 -3.25 -3.62 -4.67
N PRO A 308 -3.16 -4.95 -4.73
CA PRO A 308 -3.46 -5.65 -5.98
C PRO A 308 -4.95 -5.60 -6.27
N GLY A 309 -5.30 -5.23 -7.49
N GLY A 309 -5.30 -5.19 -7.49
CA GLY A 309 -6.71 -5.03 -7.84
CA GLY A 309 -6.70 -5.04 -7.84
C GLY A 309 -7.42 -6.35 -8.14
C GLY A 309 -7.35 -6.38 -8.16
N GLY A 310 -8.62 -6.50 -7.58
N GLY A 310 -8.63 -6.48 -7.78
CA GLY A 310 -9.44 -7.68 -7.75
CA GLY A 310 -9.41 -7.68 -8.02
C GLY A 310 -9.74 -8.42 -6.47
C GLY A 310 -9.93 -8.35 -6.78
N GLU A 311 -8.98 -8.16 -5.40
N GLU A 311 -9.44 -8.00 -5.58
CA GLU A 311 -9.21 -8.76 -4.10
CA GLU A 311 -9.98 -8.52 -4.34
C GLU A 311 -10.15 -7.85 -3.30
C GLU A 311 -11.11 -7.61 -3.85
N SER A 312 -11.29 -8.39 -2.87
N SER A 312 -11.93 -8.16 -2.96
CA SER A 312 -12.29 -7.56 -2.21
CA SER A 312 -12.90 -7.34 -2.26
C SER A 312 -11.75 -6.99 -0.91
C SER A 312 -12.27 -6.70 -1.03
N ALA A 313 -12.19 -5.77 -0.60
N ALA A 313 -12.58 -5.43 -0.80
CA ALA A 313 -11.81 -5.09 0.63
CA ALA A 313 -12.11 -4.75 0.39
C ALA A 313 -12.82 -5.24 1.76
C ALA A 313 -13.00 -4.97 1.60
N GLY A 314 -13.97 -5.86 1.48
CA GLY A 314 -14.95 -6.09 2.52
C GLY A 314 -16.27 -6.52 1.93
N THR A 315 -16.98 -7.35 2.68
CA THR A 315 -18.29 -7.81 2.24
C THR A 315 -19.31 -6.68 2.31
N SER A 316 -20.29 -6.74 1.41
CA SER A 316 -21.46 -5.87 1.48
C SER A 316 -22.60 -6.51 2.29
N ASN A 317 -22.42 -7.74 2.74
CA ASN A 317 -23.42 -8.50 3.49
C ASN A 317 -23.49 -7.95 4.92
N SER A 318 -24.60 -7.31 5.26
CA SER A 318 -24.74 -6.70 6.59
C SER A 318 -24.87 -7.73 7.71
N SER A 319 -24.97 -9.02 7.40
CA SER A 319 -25.04 -10.08 8.41
C SER A 319 -23.69 -10.67 8.75
N SER A 320 -22.64 -10.33 8.02
CA SER A 320 -21.32 -10.88 8.29
C SER A 320 -20.78 -10.32 9.59
N PRO A 321 -20.08 -11.14 10.39
CA PRO A 321 -19.41 -10.60 11.58
C PRO A 321 -18.33 -9.59 11.24
N ARG A 322 -17.78 -9.64 10.02
CA ARG A 322 -16.73 -8.72 9.60
C ARG A 322 -17.27 -7.54 8.79
N TYR A 323 -18.57 -7.27 8.88
CA TYR A 323 -19.21 -6.28 8.02
C TYR A 323 -18.82 -4.86 8.44
N ASP A 324 -18.39 -4.08 7.46
CA ASP A 324 -18.14 -2.65 7.58
C ASP A 324 -19.11 -1.96 6.64
N SER A 325 -19.99 -1.12 7.19
N SER A 325 -20.00 -1.13 7.19
CA SER A 325 -21.06 -0.52 6.39
CA SER A 325 -21.12 -0.57 6.44
C SER A 325 -20.54 0.38 5.27
C SER A 325 -20.69 0.34 5.29
N THR A 326 -19.28 0.82 5.34
N THR A 326 -19.38 0.50 5.10
CA THR A 326 -18.70 1.55 4.20
CA THR A 326 -18.88 1.33 4.02
C THR A 326 -18.83 0.74 2.93
C THR A 326 -19.04 0.66 2.65
N CYS A 327 -18.82 -0.59 3.05
N CYS A 327 -19.21 -0.66 2.61
CA CYS A 327 -18.84 -1.50 1.91
CA CYS A 327 -19.27 -1.38 1.34
C CYS A 327 -20.23 -1.72 1.32
C CYS A 327 -20.68 -1.78 0.91
N SER A 328 -21.26 -1.03 1.82
N SER A 328 -21.68 -1.67 1.78
CA SER A 328 -22.57 -1.09 1.19
CA SER A 328 -23.05 -1.68 1.31
C SER A 328 -23.09 0.29 0.76
C SER A 328 -23.53 -0.30 0.90
N LEU A 329 -22.22 1.31 0.76
N LEU A 329 -22.63 0.68 0.91
CA LEU A 329 -22.61 2.65 0.34
CA LEU A 329 -22.95 2.04 0.55
C LEU A 329 -23.01 2.67 -1.14
C LEU A 329 -23.18 2.15 -0.95
N PRO A 330 -23.75 3.70 -1.56
N PRO A 330 -23.83 3.23 -1.41
CA PRO A 330 -24.19 3.78 -2.97
CA PRO A 330 -24.07 3.40 -2.86
C PRO A 330 -23.06 3.74 -3.98
C PRO A 330 -22.86 3.27 -3.75
N ASP A 331 -21.84 4.14 -3.60
CA ASP A 331 -20.70 4.10 -4.53
C ASP A 331 -19.84 2.85 -4.39
N ALA A 332 -20.26 1.88 -3.56
CA ALA A 332 -19.55 0.62 -3.41
C ALA A 332 -20.18 -0.43 -4.32
N ALA A 333 -19.34 -1.19 -5.01
CA ALA A 333 -19.82 -2.27 -5.85
C ALA A 333 -20.44 -3.36 -4.99
N GLN A 334 -21.66 -3.79 -5.33
CA GLN A 334 -22.39 -4.78 -4.55
CA GLN A 334 -22.32 -4.82 -4.57
C GLN A 334 -23.16 -5.69 -5.50
N PRO A 335 -23.36 -6.97 -5.14
CA PRO A 335 -22.85 -7.60 -3.91
C PRO A 335 -21.34 -7.85 -3.97
N ALA A 336 -20.69 -7.71 -2.82
CA ALA A 336 -19.25 -7.88 -2.70
C ALA A 336 -18.95 -8.99 -1.70
N PRO A 337 -17.96 -9.82 -1.96
CA PRO A 337 -17.64 -10.93 -1.05
C PRO A 337 -16.72 -10.46 0.08
N GLU A 338 -16.37 -11.40 0.95
CA GLU A 338 -15.59 -11.08 2.14
C GLU A 338 -14.21 -10.54 1.77
N ALA A 339 -13.66 -9.71 2.66
CA ALA A 339 -12.35 -9.12 2.44
C ALA A 339 -11.32 -10.20 2.19
N GLY A 340 -10.47 -9.98 1.19
CA GLY A 340 -9.44 -10.91 0.82
C GLY A 340 -9.84 -11.92 -0.25
N THR A 341 -11.13 -12.19 -0.40
CA THR A 341 -11.55 -13.12 -1.42
C THR A 341 -11.64 -12.42 -2.78
N TRP A 342 -11.48 -13.21 -3.83
CA TRP A 342 -11.47 -12.66 -5.17
C TRP A 342 -12.85 -12.13 -5.54
N PHE A 343 -12.87 -10.98 -6.21
CA PHE A 343 -14.09 -10.27 -6.59
C PHE A 343 -14.05 -10.16 -8.11
N GLN A 344 -14.55 -11.20 -8.79
CA GLN A 344 -14.32 -11.34 -10.22
C GLN A 344 -14.91 -10.17 -11.03
N ALA A 345 -16.14 -9.76 -10.70
CA ALA A 345 -16.75 -8.69 -11.49
C ALA A 345 -15.99 -7.39 -11.33
N TYR A 346 -15.47 -7.14 -10.13
CA TYR A 346 -14.68 -5.93 -9.88
C TYR A 346 -13.39 -5.96 -10.68
N PHE A 347 -12.73 -7.11 -10.71
CA PHE A 347 -11.54 -7.27 -11.54
C PHE A 347 -11.84 -7.02 -13.00
N GLN A 348 -12.91 -7.62 -13.52
CA GLN A 348 -13.21 -7.44 -14.94
C GLN A 348 -13.41 -5.95 -15.27
N THR A 349 -14.05 -5.20 -14.38
CA THR A 349 -14.21 -3.77 -14.63
C THR A 349 -12.89 -3.03 -14.49
N LEU A 350 -12.04 -3.41 -13.53
CA LEU A 350 -10.71 -2.80 -13.45
C LEU A 350 -9.98 -2.93 -14.77
N VAL A 351 -10.08 -4.10 -15.43
CA VAL A 351 -9.44 -4.31 -16.72
C VAL A 351 -10.12 -3.47 -17.80
N SER A 352 -11.45 -3.54 -17.88
N SER A 352 -11.45 -3.53 -17.89
CA SER A 352 -12.18 -2.84 -18.92
CA SER A 352 -12.14 -2.83 -18.97
C SER A 352 -11.94 -1.33 -18.85
C SER A 352 -11.98 -1.32 -18.86
N ALA A 353 -11.87 -0.80 -17.64
CA ALA A 353 -11.75 0.64 -17.42
C ALA A 353 -10.32 1.11 -17.24
N ALA A 354 -9.33 0.26 -17.52
N ALA A 354 -9.33 0.24 -17.47
CA ALA A 354 -7.93 0.63 -17.31
CA ALA A 354 -7.94 0.60 -17.22
C ALA A 354 -7.58 1.89 -18.09
C ALA A 354 -7.57 1.86 -17.99
N ASN A 355 -6.79 2.76 -17.47
N ASN A 355 -7.11 2.89 -17.28
CA ASN A 355 -6.35 3.98 -18.10
CA ASN A 355 -6.57 4.11 -17.88
C ASN A 355 -4.95 4.28 -17.58
C ASN A 355 -5.22 4.38 -17.24
N PRO A 356 -3.92 4.18 -18.43
N PRO A 356 -4.11 4.11 -17.94
CA PRO A 356 -3.97 3.83 -19.86
CA PRO A 356 -4.02 3.71 -19.35
C PRO A 356 -4.49 2.41 -20.13
C PRO A 356 -4.59 2.32 -19.64
N PRO A 357 -5.03 2.15 -21.32
N PRO A 357 -5.17 2.13 -20.84
CA PRO A 357 -5.62 0.82 -21.58
CA PRO A 357 -5.72 0.82 -21.19
C PRO A 357 -4.57 -0.28 -21.49
C PRO A 357 -4.63 -0.22 -21.34
N LEU A 358 -5.02 -1.48 -21.12
CA LEU A 358 -4.11 -2.61 -21.10
C LEU A 358 -3.86 -3.09 -22.52
#